data_7S5H
#
_entry.id   7S5H
#
_cell.length_a   44.250
_cell.length_b   72.487
_cell.length_c   105.112
_cell.angle_alpha   90.000
_cell.angle_beta   90.000
_cell.angle_gamma   90.000
#
_symmetry.space_group_name_H-M   'P 21 21 21'
#
loop_
_entity.id
_entity.type
_entity.pdbx_description
1 polymer 'Pro-peptide from Proprotein convertase subtilisin/kexin type 9'
2 polymer 'Proprotein convertase subtilisin/kexin type 9'
3 polymer Z50-DNP-DAL-PHE-FTR-PRO-THR-0A1-3WX
4 non-polymer (2E)-but-2-ene-1,4-diol
5 water water
#
loop_
_entity_poly.entity_id
_entity_poly.type
_entity_poly.pdbx_seq_one_letter_code
_entity_poly.pdbx_strand_id
1 'polypeptide(L)'
;QEDEDGDYEELVLALRSEEDGLAEAPEHGTTATFHRCAKDPWRLPGTYVVVLKEETHLSQSERTARRLQAQAARRGYLTK
ILHVFHGLLPGFLVKMSGDLLELALKLPHVDYIEEDSSVFAQ
;
A
2 'polypeptide(L)'
;SIPWNLERITPPRYRADEYQPPDGGSLVEVYLLDTSIQSDHREIEGRVMVTDFENVPEEDGTRFHRQASKCDSHGTHLAG
VVSGRDAGVAKGASMRSLRVLNCQGKGTVSGTLIGLEFIRKSQLVQPVGPLVVLLPLAGGYSRVLNAACQRLARAGVVLV
TAAGNFRDDACLYSPASAPEVITVGATNAQDQPVTLGTLGTNFGRCVDLFAPGEDIIGASSDCSTCFVSQSGTSQAAAHV
AGIAAMMLSAEPELTLAELRQRLIHFSAKDVINEAWFPEDQRVLTPNLVAALPPSTHGAGNSHHHHHH
;
B
3 'polypeptide(L)' (Z50)(DNP)(DAL)F(FTR)PT(0A1)(3WX) C
#
loop_
_chem_comp.id
_chem_comp.type
_chem_comp.name
_chem_comp.formula
3WX peptide-like 2-methyl-L-proline 'C6 H11 N O2'
89N non-polymer (2E)-but-2-ene-1,4-diol 'C4 H8 O2'
#
# COMPACT_ATOMS: atom_id res chain seq x y z
N THR A 31 17.43 -16.46 -18.03
CA THR A 31 17.77 -16.08 -16.66
C THR A 31 16.60 -15.44 -15.90
N ALA A 32 15.54 -14.99 -16.62
CA ALA A 32 14.41 -14.36 -15.95
C ALA A 32 13.63 -15.40 -15.18
N THR A 33 13.09 -15.01 -14.01
CA THR A 33 12.32 -15.95 -13.19
C THR A 33 10.85 -15.54 -13.08
N PHE A 34 10.01 -16.50 -12.79
CA PHE A 34 8.57 -16.32 -12.59
C PHE A 34 8.25 -16.35 -11.09
N HIS A 35 7.38 -15.46 -10.65
CA HIS A 35 6.97 -15.33 -9.26
C HIS A 35 5.47 -15.29 -9.16
N ARG A 36 4.93 -15.95 -8.14
CA ARG A 36 3.49 -15.91 -7.89
C ARG A 36 3.21 -16.01 -6.40
N CYS A 37 2.03 -15.59 -6.01
CA CYS A 37 1.68 -15.58 -4.59
C CYS A 37 1.67 -16.99 -4.01
N ALA A 38 2.34 -17.19 -2.87
CA ALA A 38 2.35 -18.51 -2.23
C ALA A 38 1.00 -18.85 -1.61
N LYS A 39 0.15 -17.85 -1.33
CA LYS A 39 -1.17 -18.09 -0.78
C LYS A 39 -2.07 -18.31 -1.99
N ASP A 40 -2.37 -19.58 -2.32
CA ASP A 40 -3.18 -19.92 -3.48
C ASP A 40 -4.50 -19.13 -3.62
N PRO A 41 -5.30 -18.91 -2.54
CA PRO A 41 -6.55 -18.15 -2.71
C PRO A 41 -6.41 -16.70 -3.15
N TRP A 42 -5.19 -16.14 -3.06
CA TRP A 42 -4.98 -14.73 -3.42
C TRP A 42 -4.38 -14.53 -4.80
N ARG A 43 -4.07 -15.60 -5.53
CA ARG A 43 -3.52 -15.51 -6.87
C ARG A 43 -4.53 -14.96 -7.84
N LEU A 44 -4.04 -14.22 -8.84
CA LEU A 44 -4.91 -13.65 -9.88
C LEU A 44 -4.30 -14.00 -11.25
N PRO A 45 -4.34 -15.29 -11.63
CA PRO A 45 -3.76 -15.68 -12.93
C PRO A 45 -4.39 -14.96 -14.09
N GLY A 46 -3.60 -14.75 -15.13
CA GLY A 46 -4.08 -14.08 -16.32
C GLY A 46 -3.63 -12.63 -16.45
N THR A 47 -3.01 -12.06 -15.39
CA THR A 47 -2.47 -10.71 -15.45
C THR A 47 -1.10 -10.81 -14.82
N TYR A 48 -0.08 -10.21 -15.49
CA TYR A 48 1.29 -10.34 -15.06
C TYR A 48 1.99 -9.02 -15.13
N VAL A 49 2.88 -8.78 -14.16
CA VAL A 49 3.76 -7.64 -14.19
C VAL A 49 5.08 -8.11 -14.76
N VAL A 50 5.47 -7.58 -15.93
CA VAL A 50 6.73 -7.94 -16.55
C VAL A 50 7.72 -6.88 -16.17
N VAL A 51 8.72 -7.25 -15.34
CA VAL A 51 9.68 -6.27 -14.85
C VAL A 51 10.96 -6.37 -15.64
N LEU A 52 11.41 -5.27 -16.21
CA LEU A 52 12.62 -5.29 -17.02
C LEU A 52 13.86 -4.96 -16.19
N LYS A 53 15.04 -5.27 -16.72
CA LYS A 53 16.29 -5.02 -16.01
C LYS A 53 16.47 -3.54 -15.71
N GLU A 54 17.19 -3.24 -14.62
CA GLU A 54 17.43 -1.85 -14.20
C GLU A 54 18.04 -1.01 -15.31
N GLU A 55 17.63 0.25 -15.42
CA GLU A 55 18.11 1.17 -16.43
C GLU A 55 17.54 0.90 -17.85
N THR A 56 16.56 -0.03 -17.99
CA THR A 56 15.93 -0.26 -19.30
C THR A 56 15.13 0.99 -19.63
N HIS A 57 15.35 1.56 -20.82
CA HIS A 57 14.66 2.78 -21.21
C HIS A 57 13.20 2.52 -21.60
N LEU A 58 12.36 3.55 -21.51
CA LEU A 58 10.94 3.47 -21.85
C LEU A 58 10.74 2.98 -23.29
N SER A 59 11.60 3.42 -24.22
CA SER A 59 11.48 2.98 -25.61
C SER A 59 11.71 1.47 -25.73
N GLN A 60 12.62 0.91 -24.92
CA GLN A 60 12.88 -0.52 -24.94
C GLN A 60 11.74 -1.29 -24.27
N SER A 61 11.14 -0.73 -23.19
CA SER A 61 9.98 -1.38 -22.57
C SER A 61 8.83 -1.51 -23.59
N GLU A 62 8.62 -0.45 -24.37
CA GLU A 62 7.57 -0.46 -25.39
C GLU A 62 7.89 -1.49 -26.50
N ARG A 63 9.16 -1.59 -26.91
CA ARG A 63 9.55 -2.57 -27.92
C ARG A 63 9.40 -3.99 -27.44
N THR A 64 9.72 -4.25 -26.15
CA THR A 64 9.62 -5.57 -25.58
C THR A 64 8.16 -5.98 -25.49
N ALA A 65 7.28 -5.04 -25.07
CA ALA A 65 5.84 -5.33 -25.03
C ALA A 65 5.31 -5.65 -26.43
N ARG A 66 5.80 -4.91 -27.43
CA ARG A 66 5.37 -5.16 -28.82
C ARG A 66 5.82 -6.54 -29.31
N ARG A 67 7.05 -6.95 -28.94
CA ARG A 67 7.56 -8.29 -29.29
C ARG A 67 6.71 -9.35 -28.65
N LEU A 68 6.35 -9.17 -27.34
CA LEU A 68 5.49 -10.15 -26.67
C LEU A 68 4.16 -10.30 -27.38
N GLN A 69 3.53 -9.17 -27.72
CA GLN A 69 2.23 -9.22 -28.37
C GLN A 69 2.31 -9.92 -29.75
N ALA A 70 3.38 -9.66 -30.48
CA ALA A 70 3.58 -10.25 -31.83
C ALA A 70 3.86 -11.74 -31.73
N GLN A 71 4.69 -12.15 -30.77
CA GLN A 71 5.01 -13.56 -30.60
C GLN A 71 3.79 -14.32 -30.12
N ALA A 72 3.01 -13.72 -29.20
CA ALA A 72 1.80 -14.36 -28.71
C ALA A 72 0.79 -14.49 -29.85
N ALA A 73 0.66 -13.46 -30.69
CA ALA A 73 -0.27 -13.52 -31.84
C ALA A 73 0.16 -14.62 -32.81
N ARG A 74 1.46 -14.77 -33.08
CA ARG A 74 1.96 -15.82 -33.97
C ARG A 74 1.59 -17.22 -33.45
N ARG A 75 1.54 -17.37 -32.12
CA ARG A 75 1.14 -18.61 -31.47
C ARG A 75 -0.36 -18.77 -31.25
N GLY A 76 -1.15 -17.80 -31.69
CA GLY A 76 -2.60 -17.84 -31.61
C GLY A 76 -3.21 -17.35 -30.32
N TYR A 77 -2.54 -16.41 -29.64
CA TYR A 77 -3.04 -15.90 -28.38
C TYR A 77 -3.25 -14.41 -28.41
N LEU A 78 -4.30 -13.97 -27.75
CA LEU A 78 -4.60 -12.56 -27.58
C LEU A 78 -3.88 -12.02 -26.33
N THR A 79 -3.36 -10.80 -26.41
CA THR A 79 -2.72 -10.14 -25.26
C THR A 79 -3.20 -8.71 -25.21
N LYS A 80 -3.13 -8.09 -24.02
CA LYS A 80 -3.48 -6.68 -23.91
C LYS A 80 -2.49 -6.03 -22.96
N ILE A 81 -1.83 -4.94 -23.37
CA ILE A 81 -0.93 -4.22 -22.49
C ILE A 81 -1.80 -3.23 -21.72
N LEU A 82 -1.91 -3.44 -20.40
CA LEU A 82 -2.77 -2.59 -19.56
C LEU A 82 -2.07 -1.35 -19.06
N HIS A 83 -0.76 -1.39 -18.90
CA HIS A 83 -0.01 -0.26 -18.37
C HIS A 83 1.44 -0.39 -18.70
N VAL A 84 2.12 0.72 -19.00
CA VAL A 84 3.56 0.72 -19.21
C VAL A 84 4.19 1.48 -18.06
N PHE A 85 5.05 0.84 -17.30
CA PHE A 85 5.74 1.40 -16.14
C PHE A 85 6.98 2.13 -16.54
N HIS A 86 7.16 3.31 -15.98
CA HIS A 86 8.38 4.08 -16.14
C HIS A 86 8.42 5.14 -15.05
N GLY A 87 9.59 5.31 -14.46
CA GLY A 87 9.77 6.31 -13.41
C GLY A 87 10.16 5.70 -12.08
N LEU A 88 9.55 4.56 -11.75
CA LEU A 88 9.85 3.84 -10.52
C LEU A 88 10.55 2.54 -10.87
N LEU A 89 9.89 1.66 -11.65
CA LEU A 89 10.48 0.43 -12.15
C LEU A 89 10.13 0.36 -13.65
N PRO A 90 11.00 -0.23 -14.49
CA PRO A 90 10.67 -0.36 -15.91
C PRO A 90 9.95 -1.70 -16.16
N GLY A 91 8.97 -1.64 -17.04
CA GLY A 91 8.23 -2.84 -17.40
C GLY A 91 6.80 -2.51 -17.80
N PHE A 92 5.93 -3.51 -17.71
CA PHE A 92 4.56 -3.33 -18.15
C PHE A 92 3.65 -4.36 -17.53
N LEU A 93 2.37 -4.06 -17.53
CA LEU A 93 1.33 -4.96 -17.00
C LEU A 93 0.63 -5.55 -18.22
N VAL A 94 0.52 -6.88 -18.28
CA VAL A 94 -0.10 -7.53 -19.44
C VAL A 94 -1.16 -8.54 -19.03
N LYS A 95 -2.30 -8.51 -19.74
CA LYS A 95 -3.35 -9.49 -19.59
C LYS A 95 -3.12 -10.52 -20.70
N MET A 96 -2.87 -11.75 -20.33
CA MET A 96 -2.57 -12.83 -21.28
C MET A 96 -2.68 -14.19 -20.59
N SER A 97 -2.78 -15.25 -21.40
CA SER A 97 -2.80 -16.59 -20.86
C SER A 97 -1.46 -16.93 -20.21
N GLY A 98 -1.52 -17.65 -19.09
CA GLY A 98 -0.31 -18.17 -18.44
C GLY A 98 0.46 -19.12 -19.34
N ASP A 99 -0.18 -19.65 -20.41
CA ASP A 99 0.53 -20.51 -21.38
C ASP A 99 1.72 -19.76 -22.02
N LEU A 100 1.66 -18.41 -22.06
CA LEU A 100 2.70 -17.61 -22.70
C LEU A 100 3.88 -17.28 -21.79
N LEU A 101 3.86 -17.74 -20.52
CA LEU A 101 4.94 -17.40 -19.60
C LEU A 101 6.32 -17.87 -20.03
N GLU A 102 6.45 -19.10 -20.56
CA GLU A 102 7.76 -19.59 -20.99
C GLU A 102 8.34 -18.71 -22.11
N LEU A 103 7.49 -18.30 -23.03
CA LEU A 103 7.84 -17.42 -24.13
C LEU A 103 8.28 -16.04 -23.57
N ALA A 104 7.47 -15.47 -22.67
CA ALA A 104 7.75 -14.13 -22.15
C ALA A 104 9.04 -14.09 -21.31
N LEU A 105 9.33 -15.18 -20.60
CA LEU A 105 10.56 -15.26 -19.78
C LEU A 105 11.83 -15.28 -20.62
N LYS A 106 11.71 -15.60 -21.92
CA LYS A 106 12.88 -15.63 -22.80
C LYS A 106 13.19 -14.28 -23.43
N LEU A 107 12.33 -13.25 -23.29
CA LEU A 107 12.61 -11.94 -23.85
C LEU A 107 13.85 -11.34 -23.17
N PRO A 108 14.87 -10.97 -23.94
CA PRO A 108 16.17 -10.61 -23.33
C PRO A 108 16.20 -9.49 -22.26
N HIS A 109 15.33 -8.48 -22.31
CA HIS A 109 15.37 -7.41 -21.29
C HIS A 109 14.60 -7.74 -20.00
N VAL A 110 13.94 -8.89 -19.96
CA VAL A 110 13.14 -9.27 -18.80
C VAL A 110 14.01 -9.66 -17.63
N ASP A 111 13.73 -9.08 -16.45
CA ASP A 111 14.40 -9.44 -15.21
C ASP A 111 13.56 -10.54 -14.56
N TYR A 112 12.24 -10.31 -14.39
CA TYR A 112 11.36 -11.34 -13.82
C TYR A 112 9.91 -11.00 -14.18
N ILE A 113 9.01 -11.99 -14.02
CA ILE A 113 7.59 -11.80 -14.28
C ILE A 113 6.83 -12.24 -13.05
N GLU A 114 5.88 -11.43 -12.60
CA GLU A 114 5.09 -11.77 -11.42
C GLU A 114 3.62 -11.82 -11.72
N GLU A 115 2.96 -12.93 -11.37
CA GLU A 115 1.52 -13.03 -11.51
C GLU A 115 0.86 -12.09 -10.51
N ASP A 116 -0.16 -11.37 -10.94
CA ASP A 116 -0.87 -10.46 -10.03
C ASP A 116 -1.51 -11.23 -8.89
N SER A 117 -1.77 -10.54 -7.78
CA SER A 117 -2.37 -11.16 -6.62
C SER A 117 -3.09 -10.10 -5.80
N SER A 118 -3.94 -10.53 -4.90
CA SER A 118 -4.74 -9.63 -4.10
C SER A 118 -4.03 -9.07 -2.87
N VAL A 119 -4.39 -7.83 -2.53
CA VAL A 119 -3.97 -7.22 -1.28
C VAL A 119 -5.24 -6.82 -0.52
N PHE A 120 -5.12 -6.72 0.81
CA PHE A 120 -6.29 -6.46 1.64
C PHE A 120 -6.05 -5.45 2.73
N ALA A 121 -7.08 -4.70 3.04
CA ALA A 121 -7.09 -3.78 4.18
C ALA A 121 -6.80 -4.54 5.47
N GLN A 122 -5.91 -3.99 6.29
CA GLN A 122 -5.56 -4.63 7.58
C GLN A 122 -6.17 -3.87 8.77
N VAL B 28 5.61 18.49 5.71
CA VAL B 28 5.64 17.04 5.48
C VAL B 28 4.25 16.56 5.11
N GLU B 29 4.18 15.62 4.17
CA GLU B 29 2.89 15.09 3.77
C GLU B 29 2.85 13.60 3.97
N VAL B 30 1.68 13.12 4.36
CA VAL B 30 1.46 11.69 4.52
C VAL B 30 0.55 11.21 3.40
N TYR B 31 1.08 10.34 2.55
CA TYR B 31 0.29 9.74 1.46
C TYR B 31 -0.33 8.47 1.97
N LEU B 32 -1.60 8.28 1.77
CA LEU B 32 -2.36 7.12 2.22
C LEU B 32 -2.85 6.37 0.98
N LEU B 33 -2.50 5.07 0.88
CA LEU B 33 -2.98 4.22 -0.23
C LEU B 33 -3.96 3.27 0.41
N ASP B 34 -5.24 3.47 0.19
CA ASP B 34 -6.27 2.71 0.91
C ASP B 34 -7.60 2.76 0.20
N THR B 35 -8.72 2.64 0.93
CA THR B 35 -10.05 2.73 0.35
C THR B 35 -10.33 4.19 -0.02
N SER B 36 -11.52 4.46 -0.58
CA SER B 36 -11.99 5.81 -0.72
C SER B 36 -12.15 6.44 0.71
N ILE B 37 -12.14 7.77 0.76
CA ILE B 37 -12.20 8.52 2.03
C ILE B 37 -13.46 9.41 2.05
N GLN B 38 -14.04 9.65 3.23
CA GLN B 38 -15.12 10.62 3.37
C GLN B 38 -14.35 11.89 3.77
N SER B 39 -13.86 12.63 2.78
CA SER B 39 -12.94 13.74 3.02
C SER B 39 -13.50 14.87 3.82
N ASP B 40 -14.84 14.98 3.87
CA ASP B 40 -15.48 16.07 4.62
C ASP B 40 -16.04 15.65 5.96
N HIS B 41 -15.64 14.46 6.46
CA HIS B 41 -15.97 14.07 7.83
C HIS B 41 -15.36 15.14 8.75
N ARG B 42 -16.09 15.60 9.77
CA ARG B 42 -15.61 16.71 10.58
C ARG B 42 -14.26 16.48 11.22
N GLU B 43 -13.94 15.23 11.54
CA GLU B 43 -12.67 14.94 12.20
C GLU B 43 -11.47 15.21 11.29
N ILE B 44 -11.64 15.04 9.97
CA ILE B 44 -10.50 15.21 9.05
C ILE B 44 -10.71 16.28 7.99
N GLU B 45 -11.80 17.07 8.07
CA GLU B 45 -12.08 18.06 7.03
C GLU B 45 -10.92 19.02 6.87
N GLY B 46 -10.46 19.17 5.63
CA GLY B 46 -9.34 20.05 5.34
C GLY B 46 -7.98 19.38 5.32
N ARG B 47 -7.89 18.15 5.85
CA ARG B 47 -6.59 17.47 5.95
C ARG B 47 -6.20 16.71 4.71
N VAL B 48 -7.18 16.06 4.08
CA VAL B 48 -6.85 15.14 3.00
C VAL B 48 -7.11 15.72 1.64
N MET B 49 -6.06 15.82 0.83
CA MET B 49 -6.22 16.18 -0.55
C MET B 49 -6.37 14.87 -1.31
N VAL B 50 -7.58 14.58 -1.77
CA VAL B 50 -7.84 13.36 -2.53
C VAL B 50 -7.16 13.51 -3.88
N THR B 51 -6.27 12.56 -4.22
CA THR B 51 -5.58 12.65 -5.51
C THR B 51 -6.48 12.07 -6.62
N ASP B 52 -6.02 12.20 -7.88
CA ASP B 52 -6.70 11.61 -8.99
C ASP B 52 -6.64 10.07 -8.99
N PHE B 53 -5.73 9.47 -8.21
CA PHE B 53 -5.46 8.04 -8.36
C PHE B 53 -6.54 7.10 -7.90
N GLU B 54 -6.94 6.19 -8.78
CA GLU B 54 -7.86 5.14 -8.44
C GLU B 54 -7.54 3.92 -9.29
N ASN B 55 -7.28 2.78 -8.66
CA ASN B 55 -7.07 1.53 -9.40
C ASN B 55 -7.48 0.43 -8.46
N VAL B 56 -8.71 -0.06 -8.64
CA VAL B 56 -9.27 -1.07 -7.76
C VAL B 56 -9.93 -2.20 -8.54
N PRO B 57 -9.96 -3.40 -7.97
CA PRO B 57 -10.69 -4.50 -8.63
C PRO B 57 -12.20 -4.31 -8.51
N GLU B 58 -12.96 -5.02 -9.37
CA GLU B 58 -14.40 -4.90 -9.41
C GLU B 58 -15.08 -5.13 -8.06
N GLU B 59 -16.19 -4.42 -7.82
CA GLU B 59 -16.96 -4.52 -6.59
C GLU B 59 -17.87 -5.75 -6.66
N THR B 62 -22.91 -6.65 -2.02
CA THR B 62 -24.28 -6.20 -2.17
C THR B 62 -24.40 -4.66 -2.18
N ARG B 63 -25.60 -4.12 -2.49
CA ARG B 63 -25.80 -2.67 -2.50
C ARG B 63 -25.44 -2.03 -1.16
N PHE B 64 -25.79 -2.67 -0.02
CA PHE B 64 -25.49 -2.11 1.30
C PHE B 64 -23.98 -1.91 1.47
N HIS B 65 -23.20 -2.89 1.08
CA HIS B 65 -21.75 -2.85 1.23
C HIS B 65 -21.07 -1.91 0.21
N ARG B 66 -21.79 -1.46 -0.83
CA ARG B 66 -21.27 -0.53 -1.84
C ARG B 66 -21.67 0.93 -1.60
N GLN B 67 -22.42 1.22 -0.52
CA GLN B 67 -22.79 2.60 -0.19
C GLN B 67 -21.51 3.32 0.23
N ALA B 68 -21.48 4.63 0.04
CA ALA B 68 -20.30 5.42 0.38
C ALA B 68 -19.87 5.26 1.83
N SER B 69 -20.81 5.23 2.79
CA SER B 69 -20.47 5.10 4.20
C SER B 69 -19.72 3.82 4.54
N LYS B 70 -19.92 2.77 3.74
CA LYS B 70 -19.24 1.51 3.94
C LYS B 70 -17.96 1.48 3.13
N CYS B 71 -17.99 1.98 1.89
CA CYS B 71 -16.80 2.03 1.01
C CYS B 71 -15.68 2.80 1.68
N ASP B 72 -16.04 3.89 2.34
CA ASP B 72 -15.10 4.85 2.93
C ASP B 72 -14.61 4.47 4.32
N SER B 73 -15.10 3.41 4.90
CA SER B 73 -14.86 3.15 6.31
C SER B 73 -13.40 3.03 6.71
N HIS B 74 -12.66 2.17 6.04
CA HIS B 74 -11.29 1.87 6.48
C HIS B 74 -10.37 3.09 6.35
N GLY B 75 -10.36 3.69 5.18
CA GLY B 75 -9.47 4.83 4.94
C GLY B 75 -9.84 6.04 5.77
N THR B 76 -11.14 6.27 6.00
CA THR B 76 -11.55 7.43 6.79
C THR B 76 -11.08 7.30 8.23
N HIS B 77 -11.17 6.08 8.79
CA HIS B 77 -10.70 5.84 10.15
C HIS B 77 -9.19 6.10 10.23
N LEU B 78 -8.42 5.61 9.25
CA LEU B 78 -6.96 5.79 9.28
C LEU B 78 -6.54 7.21 9.05
N ALA B 79 -7.26 7.93 8.16
CA ALA B 79 -6.94 9.36 7.99
C ALA B 79 -7.17 10.11 9.34
N GLY B 80 -8.17 9.67 10.11
CA GLY B 80 -8.41 10.24 11.43
C GLY B 80 -7.30 9.89 12.40
N VAL B 81 -6.83 8.64 12.38
CA VAL B 81 -5.74 8.25 13.30
C VAL B 81 -4.50 9.11 13.05
N VAL B 82 -4.22 9.40 11.77
CA VAL B 82 -3.07 10.23 11.48
C VAL B 82 -3.30 11.69 11.84
N SER B 83 -4.39 12.30 11.34
CA SER B 83 -4.54 13.74 11.28
C SER B 83 -5.73 14.34 11.99
N GLY B 84 -6.58 13.50 12.55
CA GLY B 84 -7.83 13.97 13.12
C GLY B 84 -7.72 15.02 14.18
N ARG B 85 -8.69 15.93 14.20
CA ARG B 85 -8.69 17.00 15.18
C ARG B 85 -8.78 16.51 16.62
N ASP B 86 -9.71 15.62 16.92
CA ASP B 86 -9.91 15.18 18.28
C ASP B 86 -9.05 13.99 18.64
N ALA B 87 -8.80 13.08 17.68
CA ALA B 87 -8.14 11.81 18.00
C ALA B 87 -6.93 11.47 17.14
N GLY B 88 -6.40 12.46 16.43
CA GLY B 88 -5.23 12.21 15.60
C GLY B 88 -3.93 12.16 16.38
N VAL B 89 -2.97 11.41 15.89
CA VAL B 89 -1.65 11.35 16.49
C VAL B 89 -0.86 12.59 16.05
N ALA B 90 -0.99 13.00 14.79
CA ALA B 90 -0.36 14.20 14.25
C ALA B 90 -1.50 15.14 13.84
N LYS B 91 -2.20 15.68 14.83
CA LYS B 91 -3.35 16.56 14.58
C LYS B 91 -3.03 17.67 13.60
N GLY B 92 -3.81 17.78 12.54
CA GLY B 92 -3.60 18.81 11.54
C GLY B 92 -2.65 18.48 10.41
N ALA B 93 -2.12 17.24 10.40
CA ALA B 93 -1.20 16.83 9.34
C ALA B 93 -1.84 16.89 7.98
N SER B 94 -1.05 17.25 6.98
CA SER B 94 -1.47 17.31 5.61
C SER B 94 -1.34 15.90 5.03
N MET B 95 -2.40 15.41 4.38
CA MET B 95 -2.41 14.09 3.78
C MET B 95 -2.83 14.15 2.31
N ARG B 96 -2.46 13.10 1.56
CA ARG B 96 -2.91 12.93 0.17
C ARG B 96 -3.39 11.50 0.04
N SER B 97 -4.57 11.25 -0.56
CA SER B 97 -5.08 9.88 -0.63
C SER B 97 -5.12 9.35 -2.03
N LEU B 98 -4.80 8.05 -2.15
CA LEU B 98 -4.84 7.29 -3.41
C LEU B 98 -5.76 6.12 -3.14
N ARG B 99 -6.69 5.82 -4.06
CA ARG B 99 -7.59 4.69 -3.85
C ARG B 99 -7.06 3.44 -4.54
N VAL B 100 -6.62 2.47 -3.72
CA VAL B 100 -6.12 1.18 -4.18
C VAL B 100 -6.94 0.02 -3.61
N LEU B 101 -7.91 0.29 -2.71
CA LEU B 101 -8.76 -0.77 -2.18
C LEU B 101 -10.21 -0.45 -2.51
N ASN B 102 -10.94 -1.49 -2.94
CA ASN B 102 -12.35 -1.34 -3.29
C ASN B 102 -13.26 -1.26 -2.04
N CYS B 103 -14.60 -1.27 -2.23
CA CYS B 103 -15.52 -1.14 -1.10
C CYS B 103 -15.41 -2.24 -0.08
N GLN B 104 -14.89 -3.40 -0.46
CA GLN B 104 -14.68 -4.53 0.47
C GLN B 104 -13.25 -4.56 1.04
N GLY B 105 -12.45 -3.52 0.78
CA GLY B 105 -11.09 -3.45 1.26
C GLY B 105 -10.12 -4.31 0.46
N LYS B 106 -10.46 -4.67 -0.77
CA LYS B 106 -9.62 -5.51 -1.62
C LYS B 106 -8.95 -4.72 -2.73
N GLY B 107 -7.67 -4.99 -2.94
CA GLY B 107 -6.92 -4.39 -4.03
C GLY B 107 -6.09 -5.42 -4.76
N THR B 108 -5.20 -4.95 -5.65
CA THR B 108 -4.28 -5.84 -6.34
C THR B 108 -2.88 -5.33 -6.12
N VAL B 109 -1.90 -6.22 -6.28
CA VAL B 109 -0.51 -5.81 -6.28
C VAL B 109 -0.29 -4.86 -7.46
N SER B 110 -0.86 -5.13 -8.63
CA SER B 110 -0.65 -4.24 -9.77
C SER B 110 -1.21 -2.86 -9.55
N GLY B 111 -2.38 -2.74 -8.96
CA GLY B 111 -2.97 -1.42 -8.69
C GLY B 111 -2.16 -0.66 -7.65
N THR B 112 -1.68 -1.37 -6.63
CA THR B 112 -0.85 -0.76 -5.62
C THR B 112 0.47 -0.28 -6.22
N LEU B 113 1.05 -1.08 -7.13
CA LEU B 113 2.29 -0.70 -7.84
CA LEU B 113 2.28 -0.70 -7.78
C LEU B 113 2.09 0.55 -8.66
N ILE B 114 0.98 0.61 -9.40
CA ILE B 114 0.70 1.79 -10.22
C ILE B 114 0.49 3.03 -9.32
N GLY B 115 -0.07 2.82 -8.12
CA GLY B 115 -0.22 3.91 -7.14
C GLY B 115 1.11 4.40 -6.63
N LEU B 116 2.04 3.47 -6.37
CA LEU B 116 3.38 3.85 -5.92
C LEU B 116 4.13 4.59 -7.03
N GLU B 117 3.92 4.19 -8.28
CA GLU B 117 4.51 4.92 -9.41
C GLU B 117 3.92 6.32 -9.49
N PHE B 118 2.62 6.48 -9.22
CA PHE B 118 2.00 7.80 -9.23
C PHE B 118 2.66 8.72 -8.21
N ILE B 119 3.01 8.18 -7.04
CA ILE B 119 3.67 8.97 -6.01
C ILE B 119 5.07 9.35 -6.46
N ARG B 120 5.80 8.42 -7.07
CA ARG B 120 7.16 8.71 -7.57
C ARG B 120 7.12 9.80 -8.64
N LYS B 121 6.13 9.77 -9.51
CA LYS B 121 6.00 10.77 -10.55
C LYS B 121 5.71 12.14 -9.96
N SER B 122 4.87 12.20 -8.91
CA SER B 122 4.54 13.45 -8.21
C SER B 122 5.78 14.05 -7.53
N GLN B 123 6.70 13.19 -7.04
CA GLN B 123 7.94 13.57 -6.37
C GLN B 123 8.96 14.10 -7.38
N LEU B 124 8.99 13.56 -8.61
CA LEU B 124 9.93 13.98 -9.63
C LEU B 124 9.59 15.32 -10.28
N VAL B 125 8.30 15.70 -10.27
CA VAL B 125 7.88 16.98 -10.87
C VAL B 125 8.24 18.16 -9.95
N GLY B 129 8.17 18.96 0.99
CA GLY B 129 9.25 18.51 1.85
C GLY B 129 9.34 17.01 1.95
N PRO B 130 9.72 16.49 3.12
CA PRO B 130 9.82 15.03 3.29
C PRO B 130 8.49 14.32 3.05
N LEU B 131 8.55 13.05 2.63
CA LEU B 131 7.34 12.31 2.35
C LEU B 131 7.22 11.05 3.19
N VAL B 132 6.03 10.83 3.75
CA VAL B 132 5.68 9.59 4.45
C VAL B 132 4.63 8.89 3.59
N VAL B 133 4.83 7.61 3.28
CA VAL B 133 3.85 6.82 2.53
C VAL B 133 3.32 5.75 3.44
N LEU B 134 2.01 5.74 3.69
CA LEU B 134 1.34 4.80 4.58
C LEU B 134 0.58 3.77 3.72
N LEU B 135 0.92 2.48 3.91
CA LEU B 135 0.38 1.33 3.19
C LEU B 135 -0.30 0.38 4.20
N PRO B 136 -1.54 0.64 4.54
CA PRO B 136 -2.21 -0.15 5.59
C PRO B 136 -2.90 -1.36 5.01
N LEU B 137 -2.13 -2.14 4.27
CA LEU B 137 -2.64 -3.29 3.54
C LEU B 137 -1.57 -4.38 3.49
N ALA B 138 -2.01 -5.60 3.12
CA ALA B 138 -1.09 -6.71 3.00
C ALA B 138 -1.62 -7.71 2.02
N GLY B 139 -0.68 -8.30 1.31
CA GLY B 139 -0.91 -9.49 0.51
C GLY B 139 0.21 -10.47 0.81
N GLY B 140 0.32 -11.52 -0.02
CA GLY B 140 1.43 -12.44 0.14
C GLY B 140 2.71 -11.78 -0.29
N TYR B 141 3.86 -12.32 0.12
CA TYR B 141 5.18 -11.83 -0.31
C TYR B 141 5.17 -11.61 -1.83
N SER B 142 5.55 -10.41 -2.25
CA SER B 142 5.56 -10.01 -3.63
C SER B 142 6.91 -9.43 -3.93
N ARG B 143 7.65 -10.03 -4.89
CA ARG B 143 8.94 -9.49 -5.27
C ARG B 143 8.80 -8.06 -5.82
N VAL B 144 7.80 -7.83 -6.68
CA VAL B 144 7.68 -6.51 -7.31
C VAL B 144 7.20 -5.45 -6.32
N LEU B 145 6.26 -5.78 -5.42
CA LEU B 145 5.82 -4.76 -4.46
C LEU B 145 6.97 -4.38 -3.52
N ASN B 146 7.78 -5.37 -3.10
CA ASN B 146 8.93 -5.06 -2.26
C ASN B 146 9.95 -4.24 -3.02
N ALA B 147 10.17 -4.57 -4.31
CA ALA B 147 11.12 -3.80 -5.14
C ALA B 147 10.68 -2.37 -5.33
N ALA B 148 9.37 -2.15 -5.52
CA ALA B 148 8.86 -0.78 -5.70
C ALA B 148 9.04 0.01 -4.39
N CYS B 149 8.76 -0.63 -3.26
CA CYS B 149 8.95 0.04 -1.96
C CYS B 149 10.43 0.36 -1.73
N GLN B 150 11.30 -0.57 -2.10
CA GLN B 150 12.75 -0.37 -1.98
C GLN B 150 13.21 0.82 -2.82
N ARG B 151 12.68 0.95 -4.04
CA ARG B 151 13.09 2.07 -4.91
C ARG B 151 12.65 3.40 -4.28
N LEU B 152 11.44 3.44 -3.68
CA LEU B 152 11.01 4.68 -3.03
C LEU B 152 11.88 4.98 -1.82
N ALA B 153 12.19 3.98 -1.00
CA ALA B 153 13.07 4.18 0.17
C ALA B 153 14.47 4.65 -0.23
N ARG B 154 14.99 4.12 -1.34
CA ARG B 154 16.32 4.56 -1.83
C ARG B 154 16.30 6.00 -2.25
N ALA B 155 15.13 6.52 -2.68
CA ALA B 155 14.94 7.93 -3.04
C ALA B 155 14.65 8.84 -1.82
N GLY B 156 14.65 8.30 -0.62
CA GLY B 156 14.45 9.09 0.59
C GLY B 156 13.04 9.11 1.14
N VAL B 157 12.16 8.25 0.62
CA VAL B 157 10.78 8.21 1.11
C VAL B 157 10.68 7.33 2.35
N VAL B 158 9.91 7.75 3.36
CA VAL B 158 9.70 6.95 4.55
C VAL B 158 8.39 6.17 4.33
N LEU B 159 8.44 4.86 4.22
CA LEU B 159 7.26 4.04 4.01
C LEU B 159 6.93 3.31 5.30
N VAL B 160 5.65 3.25 5.62
CA VAL B 160 5.17 2.60 6.83
C VAL B 160 4.06 1.64 6.42
N THR B 161 4.11 0.38 6.86
CA THR B 161 3.09 -0.57 6.49
C THR B 161 2.62 -1.40 7.66
N ALA B 162 1.43 -1.98 7.50
CA ALA B 162 0.87 -2.89 8.48
C ALA B 162 1.61 -4.23 8.44
N ALA B 163 1.89 -4.83 9.61
CA ALA B 163 2.53 -6.14 9.62
C ALA B 163 1.61 -7.24 9.08
N GLY B 164 0.28 -7.04 9.17
CA GLY B 164 -0.69 -8.06 8.79
C GLY B 164 -1.38 -8.62 10.03
N ASN B 165 -2.61 -9.08 9.87
CA ASN B 165 -3.44 -9.55 10.97
C ASN B 165 -3.67 -11.07 10.92
N PHE B 166 -2.63 -11.84 10.60
CA PHE B 166 -2.82 -13.27 10.39
C PHE B 166 -2.19 -14.17 11.44
N ARG B 167 -1.71 -13.60 12.57
CA ARG B 167 -1.05 -14.35 13.64
C ARG B 167 0.07 -15.24 13.07
N ASP B 168 0.83 -14.66 12.16
CA ASP B 168 1.83 -15.37 11.41
C ASP B 168 3.11 -14.52 11.24
N ASP B 169 4.13 -15.11 10.63
CA ASP B 169 5.39 -14.47 10.35
C ASP B 169 5.17 -13.39 9.28
N ALA B 170 5.43 -12.13 9.64
CA ALA B 170 5.28 -11.01 8.68
C ALA B 170 6.18 -11.15 7.46
N CYS B 171 7.26 -11.95 7.55
CA CYS B 171 8.16 -12.14 6.40
C CYS B 171 7.45 -12.81 5.21
N LEU B 172 6.31 -13.43 5.44
CA LEU B 172 5.52 -14.10 4.39
C LEU B 172 4.55 -13.16 3.65
N TYR B 173 4.51 -11.87 4.05
CA TYR B 173 3.55 -10.93 3.50
C TYR B 173 4.28 -9.72 2.91
N SER B 174 3.58 -8.97 2.05
CA SER B 174 4.12 -7.73 1.48
C SER B 174 3.06 -6.65 1.56
N PRO B 175 3.48 -5.39 1.71
CA PRO B 175 4.87 -4.90 1.84
C PRO B 175 5.55 -5.18 3.18
N ALA B 176 4.88 -5.86 4.15
CA ALA B 176 5.48 -6.12 5.47
C ALA B 176 6.91 -6.67 5.42
N SER B 177 7.19 -7.59 4.51
CA SER B 177 8.50 -8.22 4.42
C SER B 177 9.60 -7.36 3.85
N ALA B 178 9.29 -6.17 3.30
CA ALA B 178 10.35 -5.33 2.73
C ALA B 178 11.18 -4.72 3.86
N PRO B 179 12.51 -4.94 3.87
CA PRO B 179 13.33 -4.35 4.95
C PRO B 179 13.38 -2.83 4.92
N GLU B 180 13.16 -2.21 3.74
CA GLU B 180 13.19 -0.76 3.57
C GLU B 180 11.91 -0.07 4.04
N VAL B 181 10.88 -0.83 4.40
CA VAL B 181 9.63 -0.26 4.87
C VAL B 181 9.55 -0.44 6.40
N ILE B 182 9.03 0.52 7.13
CA ILE B 182 8.84 0.38 8.57
C ILE B 182 7.59 -0.47 8.78
N THR B 183 7.76 -1.70 9.25
CA THR B 183 6.66 -2.65 9.39
C THR B 183 6.16 -2.64 10.82
N VAL B 184 4.87 -2.40 10.98
CA VAL B 184 4.29 -2.16 12.30
C VAL B 184 3.30 -3.19 12.73
N GLY B 185 3.60 -3.84 13.86
CA GLY B 185 2.69 -4.78 14.49
C GLY B 185 1.80 -4.04 15.48
N ALA B 186 0.76 -4.71 15.96
CA ALA B 186 -0.21 -4.10 16.88
C ALA B 186 -0.11 -4.64 18.30
N THR B 187 -0.03 -3.75 19.28
CA THR B 187 -0.08 -4.09 20.71
C THR B 187 -1.23 -3.31 21.39
N ASN B 188 -1.57 -3.70 22.62
CA ASN B 188 -2.59 -3.00 23.40
C ASN B 188 -1.91 -2.10 24.48
N ALA B 189 -2.68 -1.49 25.39
CA ALA B 189 -2.15 -0.64 26.46
C ALA B 189 -1.17 -1.37 27.38
N GLN B 190 -1.31 -2.69 27.51
CA GLN B 190 -0.42 -3.51 28.34
C GLN B 190 0.75 -4.14 27.55
N ASP B 191 1.04 -3.60 26.35
CA ASP B 191 2.11 -4.03 25.45
C ASP B 191 2.03 -5.50 25.07
N GLN B 192 0.81 -6.06 25.04
CA GLN B 192 0.60 -7.45 24.64
C GLN B 192 0.18 -7.47 23.17
N PRO B 193 0.61 -8.48 22.39
CA PRO B 193 0.20 -8.54 20.98
C PRO B 193 -1.32 -8.65 20.86
N VAL B 194 -1.92 -7.84 19.97
CA VAL B 194 -3.37 -7.85 19.79
C VAL B 194 -3.84 -9.15 19.17
N GLY B 200 -4.73 -12.48 15.02
CA GLY B 200 -4.05 -11.43 15.75
C GLY B 200 -2.92 -10.80 14.95
N THR B 201 -2.12 -9.95 15.59
CA THR B 201 -1.00 -9.31 14.87
C THR B 201 0.01 -10.31 14.38
N ASN B 202 0.57 -10.01 13.21
CA ASN B 202 1.72 -10.72 12.71
C ASN B 202 2.92 -10.30 13.55
N PHE B 203 3.98 -11.08 13.47
CA PHE B 203 5.14 -10.90 14.34
C PHE B 203 6.41 -11.37 13.65
N GLY B 204 7.54 -11.29 14.35
CA GLY B 204 8.78 -11.84 13.85
C GLY B 204 9.83 -10.86 13.42
N ARG B 205 10.87 -11.39 12.75
CA ARG B 205 12.03 -10.64 12.35
C ARG B 205 11.75 -9.51 11.38
N CYS B 206 10.64 -9.60 10.62
CA CYS B 206 10.30 -8.55 9.66
C CYS B 206 9.46 -7.45 10.29
N VAL B 207 9.08 -7.57 11.57
CA VAL B 207 8.30 -6.51 12.22
C VAL B 207 9.29 -5.59 12.92
N ASP B 208 9.32 -4.32 12.54
CA ASP B 208 10.28 -3.37 13.11
C ASP B 208 9.88 -2.90 14.49
N LEU B 209 8.57 -2.72 14.71
CA LEU B 209 8.09 -2.24 16.00
C LEU B 209 6.62 -2.54 16.13
N PHE B 210 6.10 -2.41 17.35
CA PHE B 210 4.70 -2.60 17.63
C PHE B 210 4.17 -1.25 18.12
N ALA B 211 2.94 -0.93 17.76
CA ALA B 211 2.33 0.34 18.14
C ALA B 211 0.86 0.10 18.49
N PRO B 212 0.19 1.06 19.16
CA PRO B 212 -1.20 0.84 19.54
C PRO B 212 -2.14 0.44 18.38
N GLY B 213 -2.80 -0.70 18.54
CA GLY B 213 -3.70 -1.20 17.52
C GLY B 213 -4.93 -1.92 18.03
N GLU B 214 -5.32 -1.68 19.29
CA GLU B 214 -6.53 -2.30 19.84
C GLU B 214 -7.52 -1.24 20.23
N ASP B 215 -8.76 -1.33 19.73
CA ASP B 215 -9.83 -0.40 20.10
C ASP B 215 -9.43 1.05 19.90
N ILE B 216 -8.90 1.37 18.72
CA ILE B 216 -8.45 2.72 18.44
C ILE B 216 -9.63 3.54 18.01
N ILE B 217 -9.95 4.58 18.78
CA ILE B 217 -11.08 5.44 18.45
C ILE B 217 -10.69 6.36 17.29
N GLY B 218 -11.54 6.42 16.28
CA GLY B 218 -11.26 7.28 15.14
C GLY B 218 -12.49 7.56 14.32
N ALA B 219 -12.35 8.45 13.33
CA ALA B 219 -13.47 8.86 12.48
C ALA B 219 -14.21 7.68 11.87
N SER B 220 -15.57 7.69 11.99
CA SER B 220 -16.42 6.71 11.35
C SER B 220 -17.18 7.38 10.23
N SER B 221 -17.12 6.78 9.04
CA SER B 221 -17.86 7.29 7.90
C SER B 221 -19.37 7.04 7.98
N ASP B 222 -19.88 6.47 9.10
CA ASP B 222 -21.33 6.30 9.24
C ASP B 222 -22.06 7.63 9.23
N CYS B 223 -21.42 8.69 9.72
CA CYS B 223 -21.99 10.03 9.74
C CYS B 223 -20.86 11.04 9.91
N SER B 224 -21.12 12.33 9.59
CA SER B 224 -20.05 13.33 9.56
C SER B 224 -19.37 13.60 10.89
N THR B 225 -20.00 13.26 12.01
CA THR B 225 -19.38 13.44 13.33
C THR B 225 -19.18 12.11 14.10
N CYS B 226 -19.47 10.98 13.45
CA CYS B 226 -19.43 9.68 14.06
C CYS B 226 -18.00 9.22 14.32
N PHE B 227 -17.82 8.44 15.37
CA PHE B 227 -16.55 7.82 15.73
C PHE B 227 -16.76 6.34 16.01
N VAL B 228 -15.73 5.52 15.80
CA VAL B 228 -15.81 4.09 16.05
C VAL B 228 -14.44 3.61 16.46
N SER B 229 -14.38 2.56 17.29
CA SER B 229 -13.10 1.96 17.64
C SER B 229 -12.83 0.80 16.69
N GLN B 230 -11.60 0.70 16.23
CA GLN B 230 -11.20 -0.39 15.33
C GLN B 230 -9.86 -0.92 15.78
N SER B 231 -9.63 -2.21 15.55
CA SER B 231 -8.38 -2.87 15.90
C SER B 231 -7.72 -3.41 14.64
N GLY B 232 -6.40 -3.39 14.63
CA GLY B 232 -5.65 -3.95 13.52
C GLY B 232 -4.29 -3.34 13.32
N THR B 233 -3.46 -4.04 12.54
CA THR B 233 -2.16 -3.51 12.21
C THR B 233 -2.25 -2.29 11.29
N SER B 234 -3.38 -2.07 10.59
CA SER B 234 -3.53 -0.80 9.82
C SER B 234 -3.55 0.38 10.78
N GLN B 235 -4.30 0.25 11.90
CA GLN B 235 -4.37 1.35 12.88
C GLN B 235 -3.01 1.60 13.51
N ALA B 236 -2.27 0.53 13.82
CA ALA B 236 -0.92 0.66 14.38
C ALA B 236 0.01 1.35 13.40
N ALA B 237 -0.06 0.98 12.10
CA ALA B 237 0.80 1.63 11.11
C ALA B 237 0.45 3.10 10.97
N ALA B 238 -0.86 3.45 11.02
CA ALA B 238 -1.25 4.85 10.89
C ALA B 238 -0.71 5.66 12.08
N HIS B 239 -0.70 5.07 13.28
CA HIS B 239 -0.12 5.74 14.45
C HIS B 239 1.35 6.07 14.23
N VAL B 240 2.12 5.10 13.72
CA VAL B 240 3.53 5.31 13.44
C VAL B 240 3.75 6.32 12.33
N ALA B 241 2.89 6.33 11.30
CA ALA B 241 3.00 7.35 10.25
C ALA B 241 2.82 8.76 10.83
N GLY B 242 1.91 8.89 11.79
CA GLY B 242 1.69 10.19 12.44
C GLY B 242 2.90 10.63 13.25
N ILE B 243 3.49 9.69 13.99
CA ILE B 243 4.72 10.01 14.75
C ILE B 243 5.84 10.41 13.80
N ALA B 244 6.02 9.67 12.70
CA ALA B 244 7.05 9.97 11.73
C ALA B 244 6.87 11.35 11.12
N ALA B 245 5.62 11.71 10.76
CA ALA B 245 5.33 13.01 10.15
C ALA B 245 5.75 14.15 11.09
N MET B 246 5.49 13.99 12.38
CA MET B 246 5.88 15.02 13.33
C MET B 246 7.38 15.09 13.51
N MET B 247 8.05 13.93 13.53
CA MET B 247 9.50 13.92 13.68
C MET B 247 10.17 14.59 12.49
N LEU B 248 9.68 14.33 11.28
CA LEU B 248 10.21 14.90 10.05
C LEU B 248 9.92 16.39 9.90
N SER B 249 8.82 16.85 10.48
CA SER B 249 8.47 18.28 10.45
C SER B 249 9.47 19.04 11.31
N ALA B 250 9.82 18.50 12.49
CA ALA B 250 10.75 19.12 13.41
C ALA B 250 12.18 19.06 12.91
N GLU B 251 12.55 17.94 12.27
CA GLU B 251 13.90 17.78 11.75
C GLU B 251 13.84 17.30 10.30
N PRO B 252 13.65 18.23 9.33
CA PRO B 252 13.56 17.83 7.91
C PRO B 252 14.75 17.06 7.35
N GLU B 253 15.94 17.26 7.93
CA GLU B 253 17.13 16.54 7.50
C GLU B 253 17.26 15.16 8.15
N LEU B 254 16.28 14.75 9.01
CA LEU B 254 16.22 13.43 9.66
C LEU B 254 16.10 12.40 8.55
N THR B 255 17.05 11.51 8.48
CA THR B 255 17.05 10.47 7.47
C THR B 255 16.18 9.28 7.90
N LEU B 256 15.94 8.31 7.00
CA LEU B 256 15.16 7.13 7.34
C LEU B 256 15.89 6.33 8.41
N ALA B 257 17.22 6.12 8.26
CA ALA B 257 17.95 5.27 9.20
C ALA B 257 17.88 5.77 10.64
N GLU B 258 18.00 7.10 10.85
CA GLU B 258 17.92 7.74 12.17
C GLU B 258 16.48 7.62 12.67
N LEU B 259 15.52 8.05 11.84
CA LEU B 259 14.10 8.03 12.16
C LEU B 259 13.62 6.66 12.59
N ARG B 260 14.02 5.63 11.85
CA ARG B 260 13.61 4.27 12.11
C ARG B 260 13.99 3.81 13.52
N GLN B 261 15.23 4.10 13.91
CA GLN B 261 15.70 3.71 15.24
C GLN B 261 14.97 4.48 16.33
N ARG B 262 14.65 5.76 16.09
CA ARG B 262 13.92 6.55 17.06
C ARG B 262 12.51 6.04 17.23
N LEU B 263 11.85 5.67 16.13
CA LEU B 263 10.50 5.11 16.19
C LEU B 263 10.51 3.78 16.91
N ILE B 264 11.52 2.92 16.61
CA ILE B 264 11.60 1.61 17.27
C ILE B 264 11.82 1.78 18.77
N HIS B 265 12.69 2.72 19.16
CA HIS B 265 12.94 2.98 20.57
C HIS B 265 11.70 3.48 21.32
N PHE B 266 11.00 4.48 20.76
CA PHE B 266 9.84 5.05 21.45
C PHE B 266 8.58 4.17 21.44
N SER B 267 8.68 2.92 20.95
CA SER B 267 7.55 2.02 20.93
C SER B 267 7.46 1.21 22.22
C1 Z50 C 1 -19.38 5.02 24.22
C2 Z50 C 1 -18.40 5.76 25.03
C3 Z50 C 1 -17.16 5.36 25.44
N1 Z50 C 1 -16.67 6.46 26.10
N2 Z50 C 1 -17.55 7.48 26.06
N3 Z50 C 1 -18.64 7.05 25.42
C4 Z50 C 1 -15.36 6.65 26.54
C5 Z50 C 1 -14.79 7.90 26.46
C6 Z50 C 1 -13.47 8.11 26.85
C7 Z50 C 1 -12.88 9.46 26.66
S1 Z50 C 1 -12.63 9.56 24.73
C8 Z50 C 1 -12.59 11.35 24.54
CA Z50 C 1 -13.97 11.96 24.56
N Z50 C 1 -14.83 11.36 23.56
C10 Z50 C 1 -12.74 7.03 27.36
C11 Z50 C 1 -13.33 5.76 27.48
C12 Z50 C 1 -12.54 4.63 28.04
S2 Z50 C 1 -11.18 4.14 27.00
C13 Z50 C 1 -11.90 3.82 25.36
C14 Z50 C 1 -12.89 2.68 25.46
C Z50 C 1 -13.10 2.01 24.07
O Z50 C 1 -12.22 2.05 23.23
C16 Z50 C 1 -14.64 5.57 27.06
N DNP C 2 -14.24 1.34 23.88
CA DNP C 2 -14.57 0.63 22.62
CB DNP C 2 -14.22 -0.84 22.74
NG DNP C 2 -14.94 -1.54 23.83
C DNP C 2 -16.03 0.80 22.31
O DNP C 2 -16.84 0.86 23.24
N DAL C 3 -16.40 0.89 21.02
CA DAL C 3 -17.78 1.10 20.65
CB DAL C 3 -18.49 -0.23 20.50
C DAL C 3 -17.97 1.96 19.40
O DAL C 3 -17.08 2.00 18.53
N PHE C 4 -19.11 2.63 19.32
CA PHE C 4 -19.56 3.44 18.19
C PHE C 4 -20.38 4.58 18.75
N FTR C 5 -20.14 5.81 18.31
CA FTR C 5 -20.83 6.96 18.88
CB FTR C 5 -19.96 7.64 19.94
CG FTR C 5 -19.41 6.69 20.97
CD2 FTR C 5 -18.21 5.92 20.86
CE2 FTR C 5 -18.09 5.15 22.03
CE3 FTR C 5 -17.22 5.84 19.88
CD1 FTR C 5 -19.95 6.38 22.19
NE1 FTR C 5 -19.18 5.43 22.82
CZ2 FTR C 5 -17.02 4.29 22.25
CZ3 FTR C 5 -16.17 5.01 20.14
F FTR C 5 -15.19 4.89 19.19
CH2 FTR C 5 -16.03 4.26 21.30
C FTR C 5 -21.19 7.95 17.78
O FTR C 5 -20.45 8.08 16.80
N PRO C 6 -22.25 8.75 17.99
CA PRO C 6 -22.64 9.74 16.97
C PRO C 6 -21.83 11.03 17.01
N THR C 7 -21.00 11.20 18.04
CA THR C 7 -20.11 12.35 18.23
C THR C 7 -18.82 11.83 18.88
N 0A1 C 8 -17.79 12.68 18.99
CA 0A1 C 8 -16.55 12.24 19.61
CB 0A1 C 8 -15.49 13.34 19.54
CG 0A1 C 8 -14.16 12.93 20.12
CD1 0A1 C 8 -13.54 13.66 21.13
CE1 0A1 C 8 -12.32 13.27 21.67
CZ 0A1 C 8 -11.70 12.12 21.19
OH 0A1 C 8 -10.50 11.66 21.67
CM 0A1 C 8 -9.78 12.47 22.61
CE2 0A1 C 8 -12.32 11.37 20.20
CD2 0A1 C 8 -13.53 11.78 19.68
C 0A1 C 8 -16.80 11.83 21.06
O 0A1 C 8 -17.22 12.69 21.85
CB 3WX C 9 -16.40 8.64 22.81
CA 3WX C 9 -16.82 10.12 22.82
CG 3WX C 9 -15.42 8.52 21.64
C 3WX C 9 -15.99 10.80 23.90
N 3WX C 9 -16.53 10.57 21.44
O 3WX C 9 -16.38 10.76 25.07
C39 3WX C 9 -18.30 10.15 23.11
CD 3WX C 9 -16.04 9.44 20.63
C2 89N D . -24.36 5.03 15.25
C3 89N D . -25.09 8.83 15.37
C4 89N D . -24.48 6.44 15.70
C5 89N D . -24.96 7.42 14.92
O1 89N D . -24.89 8.93 16.79
#